data_6KD0
#
_entry.id   6KD0
#
_cell.length_a   47.324
_cell.length_b   80.234
_cell.length_c   59.184
_cell.angle_alpha   90.00
_cell.angle_beta   102.36
_cell.angle_gamma   90.00
#
_symmetry.space_group_name_H-M   'P 1 21 1'
#
loop_
_entity.id
_entity.type
_entity.pdbx_description
1 polymer 'Vibralactone Cyclase'
2 water water
#
_entity_poly.entity_id   1
_entity_poly.type   'polypeptide(L)'
_entity_poly.pdbx_seq_one_letter_code
;MAITLFLDEGLSTAHPEFAPVWAAFPQPTDPFPPLEARRAFWDEVVIPNLNKFLEPSLPSEDRYRLEDYYIPVEGTNMHV
RTYIPTSSPDKTKTYPLLYWVHCGGWAIGNYEMDDYDLRIICDKLQVCAVSIDYRLTPESSSPTGAKDVYAGLKWAAANA
GSFNADPKKGFVIAGQSAGGNLSLIAAHWARDDPFFANTPLTGQLVQYPPTCHPEAMPEEYKSCIKSMEECRDAPLLSKK
EVYWFNELANPADPHDPSFSPLLFPSHANLPPLFFMSCGWDPLRDEGLLYHALVKEAGVETRMTMYPGVPHAFHMLFRSM
KLAQKFQEETIEGMSWLFSKTPQ
;
_entity_poly.pdbx_strand_id   A
#
# COMPACT_ATOMS: atom_id res chain seq x y z
N MET A 1 29.98 6.32 -7.51
CA MET A 1 29.61 5.73 -8.82
C MET A 1 28.13 6.00 -9.09
N ALA A 2 27.56 5.33 -10.10
CA ALA A 2 26.13 5.50 -10.46
C ALA A 2 25.33 4.31 -9.94
N ILE A 3 24.10 4.14 -10.45
CA ILE A 3 23.21 3.02 -10.02
C ILE A 3 22.45 2.49 -11.25
N THR A 4 21.73 1.38 -11.07
CA THR A 4 20.94 0.76 -12.19
C THR A 4 19.61 1.51 -12.33
N LEU A 5 18.92 1.32 -13.46
CA LEU A 5 17.62 1.99 -13.71
C LEU A 5 16.72 1.08 -14.56
N PHE A 6 15.44 0.98 -14.18
CA PHE A 6 14.46 0.14 -14.92
C PHE A 6 13.81 1.12 -15.91
N LEU A 7 13.96 0.88 -17.22
CA LEU A 7 13.55 1.85 -18.27
C LEU A 7 12.18 1.66 -18.94
N ASP A 8 12.04 0.86 -20.02
CA ASP A 8 10.81 0.77 -20.84
C ASP A 8 10.32 -0.65 -21.12
N GLU A 9 9.47 -0.74 -22.17
CA GLU A 9 8.77 -1.85 -22.91
C GLU A 9 7.34 -1.46 -23.30
N GLY A 10 7.10 -0.25 -23.82
CA GLY A 10 5.70 0.10 -24.09
C GLY A 10 4.86 -0.04 -22.82
N LEU A 11 5.37 0.50 -21.73
CA LEU A 11 4.73 0.45 -20.42
C LEU A 11 3.34 1.09 -20.44
N SER A 12 3.13 2.12 -21.25
CA SER A 12 1.87 2.85 -21.26
C SER A 12 1.04 2.61 -22.53
N THR A 13 1.32 1.56 -23.27
CA THR A 13 0.41 1.13 -24.34
C THR A 13 -0.54 0.09 -23.76
N ALA A 14 -1.84 0.28 -24.02
CA ALA A 14 -2.85 -0.53 -23.34
C ALA A 14 -2.60 -2.03 -23.52
N HIS A 15 -2.55 -2.74 -22.41
CA HIS A 15 -2.50 -4.20 -22.43
C HIS A 15 -3.71 -4.73 -23.22
N PRO A 16 -3.51 -5.70 -24.12
CA PRO A 16 -4.64 -6.20 -24.92
C PRO A 16 -5.81 -6.68 -24.10
N GLU A 17 -5.58 -7.20 -22.91
CA GLU A 17 -6.70 -7.64 -22.07
C GLU A 17 -7.37 -6.47 -21.38
N PHE A 18 -6.68 -5.33 -21.25
CA PHE A 18 -7.27 -4.21 -20.55
C PHE A 18 -8.09 -3.28 -21.44
N ALA A 19 -7.68 -3.06 -22.69
CA ALA A 19 -8.39 -2.13 -23.56
C ALA A 19 -9.89 -2.42 -23.66
N PRO A 20 -10.36 -3.66 -23.89
CA PRO A 20 -11.81 -3.86 -23.97
C PRO A 20 -12.53 -3.63 -22.65
N VAL A 21 -11.91 -4.07 -21.55
CA VAL A 21 -12.48 -3.85 -20.22
C VAL A 21 -12.61 -2.36 -19.94
N TRP A 22 -11.57 -1.60 -20.29
CA TRP A 22 -11.63 -0.15 -20.10
C TRP A 22 -12.71 0.48 -20.97
N ALA A 23 -12.87 -0.03 -22.20
CA ALA A 23 -13.89 0.51 -23.09
C ALA A 23 -15.28 0.34 -22.50
N ALA A 24 -15.51 -0.70 -21.69
CA ALA A 24 -16.84 -0.85 -21.09
C ALA A 24 -16.99 -0.19 -19.71
N PHE A 25 -15.94 0.36 -19.13
CA PHE A 25 -16.03 0.96 -17.80
C PHE A 25 -16.89 2.22 -17.84
N PRO A 26 -17.91 2.34 -17.00
CA PRO A 26 -18.72 3.57 -16.97
C PRO A 26 -17.94 4.70 -16.34
N GLN A 27 -17.85 5.84 -17.04
CA GLN A 27 -17.15 6.98 -16.44
C GLN A 27 -18.14 8.08 -16.11
N PRO A 28 -17.93 8.81 -15.01
CA PRO A 28 -18.87 9.89 -14.68
C PRO A 28 -18.79 11.00 -15.71
N THR A 29 -19.87 11.77 -15.81
CA THR A 29 -19.89 12.86 -16.77
C THR A 29 -19.17 14.11 -16.27
N ASP A 30 -18.88 14.17 -14.96
CA ASP A 30 -18.16 15.30 -14.36
C ASP A 30 -16.77 15.45 -14.99
N PRO A 31 -16.36 16.65 -15.41
CA PRO A 31 -14.94 16.82 -15.79
C PRO A 31 -13.99 16.48 -14.66
N PHE A 32 -14.33 16.86 -13.43
CA PHE A 32 -13.51 16.54 -12.26
C PHE A 32 -14.43 16.32 -11.06
N PRO A 33 -14.76 15.06 -10.75
CA PRO A 33 -15.66 14.78 -9.63
C PRO A 33 -15.11 15.32 -8.33
N PRO A 34 -15.97 15.87 -7.47
CA PRO A 34 -15.52 16.40 -6.18
C PRO A 34 -15.20 15.26 -5.20
N LEU A 35 -14.55 15.62 -4.09
CA LEU A 35 -14.09 14.61 -3.14
C LEU A 35 -15.24 13.74 -2.65
N GLU A 36 -16.40 14.34 -2.35
CA GLU A 36 -17.51 13.54 -1.83
C GLU A 36 -17.96 12.51 -2.85
N ALA A 37 -17.91 12.84 -4.14
CA ALA A 37 -18.29 11.86 -5.15
C ALA A 37 -17.27 10.74 -5.27
N ARG A 38 -15.98 11.04 -5.04
CA ARG A 38 -14.96 9.99 -5.09
C ARG A 38 -15.09 9.04 -3.89
N ARG A 39 -15.28 9.60 -2.69
CA ARG A 39 -15.54 8.77 -1.52
C ARG A 39 -16.79 7.91 -1.73
N ALA A 40 -17.87 8.52 -2.26
CA ALA A 40 -19.10 7.76 -2.51
C ALA A 40 -18.90 6.69 -3.56
N PHE A 41 -18.02 6.95 -4.54
CA PHE A 41 -17.78 5.96 -5.59
C PHE A 41 -17.10 4.73 -5.04
N TRP A 42 -16.13 4.94 -4.16
CA TRP A 42 -15.50 3.80 -3.49
C TRP A 42 -16.50 3.08 -2.59
N ASP A 43 -17.35 3.84 -1.88
CA ASP A 43 -18.31 3.22 -0.95
C ASP A 43 -19.41 2.46 -1.66
N GLU A 44 -19.83 2.92 -2.84
CA GLU A 44 -21.05 2.45 -3.48
C GLU A 44 -20.78 1.53 -4.66
N VAL A 45 -19.62 1.63 -5.28
CA VAL A 45 -19.34 0.88 -6.50
C VAL A 45 -18.12 0.00 -6.31
N VAL A 46 -16.98 0.59 -5.95
CA VAL A 46 -15.72 -0.17 -6.04
C VAL A 46 -15.70 -1.29 -5.01
N ILE A 47 -15.94 -0.97 -3.74
CA ILE A 47 -15.83 -1.99 -2.69
C ILE A 47 -16.99 -2.98 -2.81
N PRO A 48 -18.25 -2.55 -3.03
CA PRO A 48 -19.31 -3.56 -3.21
C PRO A 48 -19.03 -4.52 -4.35
N ASN A 49 -18.54 -4.03 -5.49
CA ASN A 49 -18.27 -4.91 -6.63
C ASN A 49 -17.06 -5.80 -6.36
N LEU A 50 -16.02 -5.26 -5.71
CA LEU A 50 -14.89 -6.09 -5.32
C LEU A 50 -15.33 -7.21 -4.39
N ASN A 51 -16.15 -6.87 -3.39
CA ASN A 51 -16.58 -7.87 -2.44
C ASN A 51 -17.48 -8.90 -3.09
N LYS A 52 -18.35 -8.47 -4.00
CA LYS A 52 -19.17 -9.44 -4.72
C LYS A 52 -18.30 -10.43 -5.48
N PHE A 53 -17.22 -9.94 -6.10
CA PHE A 53 -16.37 -10.87 -6.84
C PHE A 53 -15.61 -11.81 -5.90
N LEU A 54 -15.15 -11.29 -4.76
CA LEU A 54 -14.30 -12.07 -3.87
C LEU A 54 -15.09 -13.01 -2.98
N GLU A 55 -16.39 -12.77 -2.79
CA GLU A 55 -17.23 -13.55 -1.88
C GLU A 55 -17.04 -15.07 -2.01
N PRO A 56 -17.05 -15.67 -3.20
CA PRO A 56 -16.87 -17.13 -3.29
C PRO A 56 -15.48 -17.61 -2.93
N SER A 57 -14.48 -16.74 -2.84
CA SER A 57 -13.13 -17.11 -2.45
C SER A 57 -12.88 -16.92 -0.95
N LEU A 58 -13.84 -16.39 -0.20
CA LEU A 58 -13.63 -16.22 1.22
C LEU A 58 -13.44 -17.58 1.89
N PRO A 59 -12.57 -17.70 2.88
CA PRO A 59 -12.50 -18.96 3.64
C PRO A 59 -13.78 -19.18 4.43
N SER A 60 -14.02 -20.45 4.74
CA SER A 60 -15.06 -20.84 5.69
C SER A 60 -14.92 -20.01 6.96
N GLU A 61 -16.05 -19.72 7.59
CA GLU A 61 -16.05 -18.85 8.76
C GLU A 61 -15.34 -19.48 9.94
N ASP A 62 -15.19 -20.81 9.94
CA ASP A 62 -14.45 -21.47 11.03
C ASP A 62 -12.94 -21.23 10.94
N ARG A 63 -12.45 -20.75 9.81
CA ARG A 63 -11.01 -20.72 9.56
C ARG A 63 -10.36 -19.41 9.93
N TYR A 64 -11.14 -18.40 10.31
CA TYR A 64 -10.56 -17.14 10.76
C TYR A 64 -11.57 -16.43 11.63
N ARG A 65 -11.08 -15.49 12.43
CA ARG A 65 -11.97 -14.61 13.17
C ARG A 65 -11.44 -13.20 13.06
N LEU A 66 -12.34 -12.25 13.29
CA LEU A 66 -12.05 -10.82 13.24
C LEU A 66 -12.11 -10.26 14.65
N GLU A 67 -11.21 -9.32 14.95
CA GLU A 67 -11.26 -8.60 16.21
C GLU A 67 -11.06 -7.12 15.94
N ASP A 68 -12.01 -6.29 16.38
CA ASP A 68 -11.91 -4.85 16.18
C ASP A 68 -11.46 -4.18 17.46
N TYR A 69 -10.61 -3.18 17.32
CA TYR A 69 -10.06 -2.42 18.43
C TYR A 69 -10.24 -0.94 18.15
N TYR A 70 -10.11 -0.17 19.22
CA TYR A 70 -10.16 1.28 19.19
C TYR A 70 -8.96 1.76 19.99
N ILE A 71 -7.94 2.31 19.34
CA ILE A 71 -6.66 2.58 20.01
C ILE A 71 -6.38 4.08 20.08
N PRO A 72 -5.66 4.58 21.09
CA PRO A 72 -5.43 6.03 21.15
C PRO A 72 -4.38 6.46 20.15
N VAL A 73 -4.64 7.59 19.47
CA VAL A 73 -3.64 8.29 18.67
C VAL A 73 -3.71 9.76 19.07
N GLU A 74 -2.86 10.59 18.47
CA GLU A 74 -2.72 11.97 18.90
C GLU A 74 -4.06 12.67 18.76
N GLY A 75 -4.73 12.87 19.88
CA GLY A 75 -5.92 13.68 19.88
C GLY A 75 -7.20 12.95 19.53
N THR A 76 -7.17 11.63 19.39
CA THR A 76 -8.41 10.90 19.08
C THR A 76 -8.14 9.41 19.24
N ASN A 77 -9.12 8.58 18.88
CA ASN A 77 -8.94 7.14 18.83
C ASN A 77 -9.07 6.69 17.37
N MET A 78 -8.46 5.55 17.05
CA MET A 78 -8.39 5.03 15.70
C MET A 78 -8.92 3.60 15.71
N HIS A 79 -9.79 3.27 14.77
CA HIS A 79 -10.25 1.90 14.60
C HIS A 79 -9.17 1.04 13.96
N VAL A 80 -8.98 -0.16 14.50
CA VAL A 80 -8.03 -1.15 14.02
C VAL A 80 -8.77 -2.46 13.88
N ARG A 81 -8.59 -3.17 12.78
CA ARG A 81 -9.16 -4.51 12.64
C ARG A 81 -8.04 -5.52 12.48
N THR A 82 -8.18 -6.65 13.18
CA THR A 82 -7.23 -7.75 13.11
C THR A 82 -7.94 -8.98 12.55
N TYR A 83 -7.19 -9.74 11.77
CA TYR A 83 -7.64 -10.89 11.00
C TYR A 83 -6.78 -12.06 11.47
N ILE A 84 -7.40 -13.01 12.16
CA ILE A 84 -6.69 -14.00 12.97
C ILE A 84 -7.05 -15.38 12.43
N PRO A 85 -6.07 -16.18 11.97
CA PRO A 85 -6.39 -17.55 11.52
C PRO A 85 -6.80 -18.42 12.69
N THR A 86 -7.80 -19.27 12.44
CA THR A 86 -8.33 -20.15 13.47
C THR A 86 -8.59 -21.55 12.94
N SER A 87 -7.81 -22.00 11.95
CA SER A 87 -7.97 -23.35 11.44
C SER A 87 -7.11 -24.38 12.16
N SER A 88 -6.03 -23.95 12.82
CA SER A 88 -5.24 -24.88 13.62
C SER A 88 -6.07 -25.46 14.76
N PRO A 89 -5.93 -26.75 15.07
CA PRO A 89 -6.54 -27.28 16.31
C PRO A 89 -5.98 -26.65 17.59
N ASP A 90 -4.91 -25.85 17.47
CA ASP A 90 -4.20 -25.26 18.61
C ASP A 90 -4.63 -23.80 18.73
N LYS A 91 -5.61 -23.55 19.60
CA LYS A 91 -6.14 -22.22 19.79
C LYS A 91 -5.16 -21.26 20.44
N THR A 92 -4.04 -21.75 20.97
CA THR A 92 -3.01 -20.89 21.55
C THR A 92 -1.83 -20.62 20.61
N LYS A 93 -1.89 -21.10 19.38
CA LYS A 93 -0.83 -20.86 18.40
C LYS A 93 -0.71 -19.37 18.11
N THR A 94 0.53 -18.91 17.91
CA THR A 94 0.81 -17.54 17.49
C THR A 94 1.37 -17.55 16.07
N TYR A 95 1.13 -16.47 15.34
CA TYR A 95 1.40 -16.38 13.92
C TYR A 95 2.24 -15.16 13.61
N PRO A 96 2.91 -15.13 12.46
CA PRO A 96 3.56 -13.88 12.02
C PRO A 96 2.54 -12.77 11.85
N LEU A 97 3.06 -11.54 11.74
CA LEU A 97 2.28 -10.31 11.83
C LEU A 97 2.37 -9.55 10.51
N LEU A 98 1.23 -9.30 9.87
CA LEU A 98 1.15 -8.48 8.67
C LEU A 98 0.39 -7.19 8.99
N TYR A 99 1.00 -6.04 8.76
CA TYR A 99 0.38 -4.75 9.03
C TYR A 99 0.11 -4.07 7.70
N TRP A 100 -1.17 -3.87 7.37
CA TRP A 100 -1.59 -3.47 6.03
C TRP A 100 -2.14 -2.05 6.05
N VAL A 101 -1.68 -1.22 5.11
CA VAL A 101 -2.08 0.18 5.01
C VAL A 101 -2.83 0.40 3.69
N HIS A 102 -4.12 0.74 3.81
CA HIS A 102 -5.01 0.85 2.67
C HIS A 102 -4.72 2.09 1.81
N CYS A 103 -5.29 2.07 0.62
CA CYS A 103 -5.09 3.12 -0.39
C CYS A 103 -6.09 4.26 -0.22
N GLY A 104 -6.00 5.22 -1.14
CA GLY A 104 -7.04 6.22 -1.27
C GLY A 104 -6.55 7.64 -1.46
N GLY A 105 -5.32 7.83 -1.94
CA GLY A 105 -4.82 9.18 -2.19
C GLY A 105 -4.68 10.04 -0.95
N TRP A 106 -4.64 9.41 0.24
CA TRP A 106 -4.63 10.02 1.58
C TRP A 106 -5.98 10.60 2.00
N ALA A 107 -6.93 10.67 1.07
CA ALA A 107 -8.20 11.37 1.26
C ALA A 107 -9.41 10.44 1.30
N ILE A 108 -9.23 9.15 0.99
CA ILE A 108 -10.34 8.21 0.89
C ILE A 108 -9.96 6.93 1.63
N GLY A 109 -10.94 6.30 2.28
CA GLY A 109 -10.88 4.89 2.54
C GLY A 109 -10.80 4.55 4.02
N ASN A 110 -10.86 3.24 4.27
CA ASN A 110 -10.82 2.65 5.60
C ASN A 110 -10.58 1.15 5.39
N TYR A 111 -10.68 0.37 6.47
CA TYR A 111 -10.44 -1.09 6.39
C TYR A 111 -11.35 -1.82 5.38
N GLU A 112 -12.50 -1.24 5.03
CA GLU A 112 -13.43 -1.95 4.15
C GLU A 112 -12.78 -2.29 2.81
N MET A 113 -11.90 -1.40 2.33
CA MET A 113 -11.25 -1.57 1.05
C MET A 113 -10.61 -2.94 0.90
N ASP A 114 -9.92 -3.41 1.93
CA ASP A 114 -9.15 -4.63 1.76
C ASP A 114 -9.67 -5.73 2.65
N ASP A 115 -10.86 -5.53 3.23
CA ASP A 115 -11.34 -6.47 4.25
C ASP A 115 -11.36 -7.90 3.72
N TYR A 116 -12.04 -8.13 2.60
CA TYR A 116 -12.11 -9.49 2.07
C TYR A 116 -10.73 -10.01 1.69
N ASP A 117 -9.89 -9.17 1.07
CA ASP A 117 -8.58 -9.64 0.68
C ASP A 117 -7.81 -10.11 1.91
N LEU A 118 -7.92 -9.39 3.03
CA LEU A 118 -7.14 -9.77 4.20
C LEU A 118 -7.74 -11.00 4.89
N ARG A 119 -9.07 -11.16 4.86
CA ARG A 119 -9.67 -12.41 5.33
C ARG A 119 -9.05 -13.58 4.57
N ILE A 120 -8.91 -13.41 3.25
CA ILE A 120 -8.34 -14.48 2.45
C ILE A 120 -6.89 -14.70 2.83
N ILE A 121 -6.13 -13.60 2.95
CA ILE A 121 -4.68 -13.70 3.09
C ILE A 121 -4.33 -14.32 4.44
N CYS A 122 -5.05 -13.91 5.50
CA CYS A 122 -4.76 -14.45 6.82
C CYS A 122 -4.94 -15.95 6.84
N ASP A 123 -5.92 -16.47 6.09
CA ASP A 123 -6.08 -17.92 6.03
C ASP A 123 -5.04 -18.55 5.11
N LYS A 124 -4.73 -17.90 3.99
CA LYS A 124 -3.83 -18.51 3.02
C LYS A 124 -2.42 -18.58 3.56
N LEU A 125 -1.96 -17.53 4.24
CA LEU A 125 -0.58 -17.43 4.69
C LEU A 125 -0.38 -17.89 6.11
N GLN A 126 -1.46 -18.06 6.86
CA GLN A 126 -1.41 -18.29 8.30
C GLN A 126 -0.64 -17.16 8.99
N VAL A 127 -1.13 -15.93 8.80
CA VAL A 127 -0.59 -14.76 9.50
C VAL A 127 -1.78 -13.99 10.05
N CYS A 128 -1.53 -13.24 11.12
CA CYS A 128 -2.48 -12.26 11.62
C CYS A 128 -2.29 -10.96 10.85
N ALA A 129 -3.36 -10.47 10.26
CA ALA A 129 -3.32 -9.22 9.52
C ALA A 129 -3.91 -8.10 10.36
N VAL A 130 -3.41 -6.88 10.16
CA VAL A 130 -3.90 -5.70 10.86
C VAL A 130 -4.16 -4.63 9.81
N SER A 131 -5.31 -3.97 9.91
CA SER A 131 -5.71 -2.89 9.00
C SER A 131 -6.19 -1.72 9.85
N ILE A 132 -5.82 -0.49 9.49
CA ILE A 132 -6.11 0.65 10.37
C ILE A 132 -6.76 1.80 9.61
N ASP A 133 -7.65 2.50 10.30
CA ASP A 133 -8.40 3.63 9.75
C ASP A 133 -7.68 4.94 10.08
N TYR A 134 -6.53 5.13 9.40
CA TYR A 134 -5.77 6.35 9.61
C TYR A 134 -6.57 7.57 9.13
N ARG A 135 -6.29 8.72 9.74
CA ARG A 135 -7.08 9.91 9.43
C ARG A 135 -6.84 10.38 7.99
N LEU A 136 -7.91 10.86 7.35
CA LEU A 136 -7.90 11.25 5.95
C LEU A 136 -7.68 12.73 5.76
N THR A 137 -7.07 13.08 4.62
CA THR A 137 -7.05 14.44 4.13
C THR A 137 -8.37 14.75 3.42
N PRO A 138 -8.69 16.04 3.22
CA PRO A 138 -8.02 17.24 3.70
C PRO A 138 -8.37 17.62 5.13
N GLU A 139 -9.35 16.93 5.73
CA GLU A 139 -9.77 17.25 7.10
C GLU A 139 -8.58 17.20 8.07
N SER A 140 -7.67 16.26 7.89
CA SER A 140 -6.41 16.22 8.64
C SER A 140 -5.27 16.36 7.66
N SER A 141 -4.36 17.30 7.89
CA SER A 141 -3.21 17.49 6.98
C SER A 141 -2.08 16.53 7.32
N SER A 142 -1.26 16.20 6.31
CA SER A 142 -0.02 15.47 6.54
C SER A 142 0.83 16.24 7.56
N PRO A 143 1.49 15.57 8.51
CA PRO A 143 1.67 14.12 8.63
C PRO A 143 0.71 13.41 9.59
N THR A 144 -0.54 13.84 9.68
CA THR A 144 -1.45 13.17 10.63
C THR A 144 -1.68 11.73 10.24
N GLY A 145 -1.95 11.48 8.96
CA GLY A 145 -2.18 10.12 8.51
C GLY A 145 -0.99 9.22 8.79
N ALA A 146 0.22 9.70 8.47
CA ALA A 146 1.44 8.94 8.71
C ALA A 146 1.64 8.67 10.19
N LYS A 147 1.39 9.66 11.05
CA LYS A 147 1.52 9.44 12.48
C LYS A 147 0.52 8.41 12.99
N ASP A 148 -0.73 8.42 12.46
CA ASP A 148 -1.69 7.38 12.83
C ASP A 148 -1.20 6.01 12.40
N VAL A 149 -0.68 5.89 11.17
CA VAL A 149 -0.17 4.61 10.70
C VAL A 149 0.94 4.12 11.63
N TYR A 150 1.79 5.04 12.07
CA TYR A 150 2.90 4.66 12.93
C TYR A 150 2.40 4.25 14.31
N ALA A 151 1.47 5.01 14.88
CA ALA A 151 0.90 4.63 16.17
C ALA A 151 0.27 3.23 16.11
N GLY A 152 -0.42 2.93 15.00
CA GLY A 152 -0.99 1.61 14.82
C GLY A 152 0.07 0.55 14.72
N LEU A 153 1.20 0.86 14.08
CA LEU A 153 2.30 -0.10 13.95
C LEU A 153 2.89 -0.41 15.32
N LYS A 154 3.04 0.63 16.15
CA LYS A 154 3.53 0.43 17.51
C LYS A 154 2.56 -0.39 18.32
N TRP A 155 1.26 -0.08 18.20
CA TRP A 155 0.26 -0.83 18.94
C TRP A 155 0.29 -2.30 18.56
N ALA A 156 0.34 -2.57 17.26
CA ALA A 156 0.31 -3.96 16.78
C ALA A 156 1.54 -4.72 17.23
N ALA A 157 2.72 -4.08 17.20
CA ALA A 157 3.93 -4.73 17.70
C ALA A 157 3.80 -5.03 19.19
N ALA A 158 3.33 -4.08 19.97
CA ALA A 158 3.38 -4.27 21.42
C ALA A 158 2.26 -5.18 21.92
N ASN A 159 1.13 -5.21 21.23
CA ASN A 159 -0.04 -5.94 21.67
C ASN A 159 -0.29 -7.16 20.82
N ALA A 160 0.71 -7.60 20.06
CA ALA A 160 0.53 -8.73 19.14
C ALA A 160 -0.08 -9.94 19.83
N GLY A 161 0.42 -10.28 21.02
CA GLY A 161 -0.02 -11.52 21.66
C GLY A 161 -1.50 -11.56 21.93
N SER A 162 -2.12 -10.39 22.14
CA SER A 162 -3.53 -10.34 22.44
C SER A 162 -4.41 -10.72 21.25
N PHE A 163 -3.86 -10.77 20.02
CA PHE A 163 -4.62 -11.35 18.92
C PHE A 163 -3.83 -12.47 18.22
N ASN A 164 -3.04 -13.22 19.00
CA ASN A 164 -2.38 -14.46 18.57
C ASN A 164 -1.27 -14.21 17.55
N ALA A 165 -0.67 -13.02 17.57
CA ALA A 165 0.43 -12.68 16.67
C ALA A 165 1.74 -12.59 17.46
N ASP A 166 2.84 -12.87 16.77
CA ASP A 166 4.16 -12.72 17.36
C ASP A 166 5.09 -12.17 16.27
N PRO A 167 5.46 -10.89 16.36
CA PRO A 167 6.28 -10.29 15.31
C PRO A 167 7.66 -10.92 15.20
N LYS A 168 8.13 -11.63 16.23
CA LYS A 168 9.36 -12.39 16.10
C LYS A 168 9.22 -13.51 15.08
N LYS A 169 8.00 -13.94 14.80
CA LYS A 169 7.78 -14.93 13.76
C LYS A 169 7.73 -14.32 12.37
N GLY A 170 7.86 -13.01 12.26
CA GLY A 170 7.72 -12.31 11.00
C GLY A 170 6.88 -11.09 11.23
N PHE A 171 7.29 -9.97 10.64
CA PHE A 171 6.64 -8.69 10.87
C PHE A 171 6.79 -7.90 9.56
N VAL A 172 5.77 -8.00 8.72
CA VAL A 172 5.80 -7.43 7.37
C VAL A 172 4.85 -6.25 7.32
N ILE A 173 5.32 -5.12 6.82
CA ILE A 173 4.45 -3.98 6.58
C ILE A 173 4.17 -3.89 5.09
N ALA A 174 2.92 -3.63 4.75
CA ALA A 174 2.50 -3.65 3.36
C ALA A 174 1.53 -2.50 3.17
N GLY A 175 1.57 -1.86 2.00
CA GLY A 175 0.64 -0.77 1.75
C GLY A 175 0.39 -0.58 0.27
N GLN A 176 -0.78 -0.05 -0.03
CA GLN A 176 -1.25 0.15 -1.39
C GLN A 176 -1.39 1.64 -1.69
N SER A 177 -0.71 2.12 -2.73
CA SER A 177 -0.84 3.49 -3.25
C SER A 177 -0.51 4.47 -2.12
N ALA A 178 -1.42 5.39 -1.74
CA ALA A 178 -1.10 6.33 -0.67
C ALA A 178 -0.76 5.59 0.62
N GLY A 179 -1.37 4.43 0.85
CA GLY A 179 -1.04 3.64 2.03
C GLY A 179 0.36 3.08 1.96
N GLY A 180 0.82 2.73 0.76
CA GLY A 180 2.20 2.32 0.58
C GLY A 180 3.17 3.45 0.90
N ASN A 181 2.82 4.66 0.47
CA ASN A 181 3.59 5.86 0.81
C ASN A 181 3.69 6.01 2.32
N LEU A 182 2.56 5.91 3.03
CA LEU A 182 2.60 6.05 4.49
C LEU A 182 3.42 4.93 5.11
N SER A 183 3.38 3.72 4.54
CA SER A 183 4.18 2.64 5.10
C SER A 183 5.67 2.84 4.83
N LEU A 184 6.03 3.50 3.71
CA LEU A 184 7.44 3.82 3.45
C LEU A 184 7.97 4.76 4.52
N ILE A 185 7.15 5.78 4.85
CA ILE A 185 7.50 6.65 5.96
C ILE A 185 7.65 5.85 7.25
N ALA A 186 6.68 5.01 7.55
CA ALA A 186 6.70 4.26 8.82
C ALA A 186 7.92 3.37 8.91
N ALA A 187 8.34 2.76 7.81
CA ALA A 187 9.49 1.86 7.84
C ALA A 187 10.79 2.61 8.16
N HIS A 188 10.95 3.82 7.61
CA HIS A 188 12.13 4.61 8.01
C HIS A 188 12.08 4.97 9.49
N TRP A 189 10.94 5.50 9.93
CA TRP A 189 10.77 5.84 11.35
C TRP A 189 11.08 4.65 12.26
N ALA A 190 10.57 3.47 11.90
CA ALA A 190 10.73 2.30 12.75
C ALA A 190 12.19 1.85 12.78
N ARG A 191 12.89 1.96 11.64
CA ARG A 191 14.30 1.65 11.62
C ARG A 191 15.03 2.46 12.66
N ASP A 192 14.69 3.74 12.78
CA ASP A 192 15.43 4.60 13.70
C ASP A 192 14.92 4.59 15.14
N ASP A 193 13.80 3.95 15.42
CA ASP A 193 13.15 4.09 16.71
C ASP A 193 13.53 2.91 17.61
N PRO A 194 14.20 3.13 18.75
CA PRO A 194 14.55 2.00 19.60
C PRO A 194 13.35 1.22 20.12
N PHE A 195 12.13 1.79 20.04
CA PHE A 195 10.93 1.04 20.40
C PHE A 195 10.84 -0.30 19.68
N PHE A 196 11.33 -0.34 18.45
CA PHE A 196 11.21 -1.52 17.59
C PHE A 196 12.43 -2.43 17.65
N ALA A 197 13.41 -2.11 18.51
CA ALA A 197 14.68 -2.85 18.52
C ALA A 197 14.45 -4.34 18.66
N ASN A 198 13.53 -4.74 19.54
CA ASN A 198 13.27 -6.16 19.80
C ASN A 198 12.24 -6.78 18.88
N THR A 199 11.43 -5.98 18.20
CA THR A 199 10.42 -6.46 17.24
C THR A 199 10.55 -5.69 15.94
N PRO A 200 11.68 -5.79 15.25
CA PRO A 200 11.86 -5.00 14.04
C PRO A 200 11.00 -5.52 12.91
N LEU A 201 10.72 -4.63 11.96
CA LEU A 201 10.11 -5.06 10.71
C LEU A 201 11.04 -6.05 10.02
N THR A 202 10.48 -7.12 9.46
CA THR A 202 11.29 -8.08 8.71
C THR A 202 11.04 -8.02 7.21
N GLY A 203 10.15 -7.15 6.75
CA GLY A 203 9.89 -7.08 5.32
C GLY A 203 8.89 -6.00 5.03
N GLN A 204 8.86 -5.59 3.77
CA GLN A 204 7.93 -4.55 3.34
C GLN A 204 7.47 -4.79 1.91
N LEU A 205 6.17 -4.66 1.68
CA LEU A 205 5.59 -4.77 0.35
C LEU A 205 4.85 -3.48 0.06
N VAL A 206 5.08 -2.90 -1.13
CA VAL A 206 4.28 -1.75 -1.52
C VAL A 206 3.81 -1.90 -2.96
N GLN A 207 2.66 -1.31 -3.24
CA GLN A 207 2.11 -1.31 -4.59
C GLN A 207 1.97 0.14 -5.05
N TYR A 208 2.66 0.48 -6.13
CA TYR A 208 2.57 1.75 -6.86
C TYR A 208 2.37 2.97 -5.95
N PRO A 209 3.26 3.23 -4.99
CA PRO A 209 3.08 4.39 -4.06
C PRO A 209 3.57 5.69 -4.66
N PRO A 210 2.99 6.83 -4.26
CA PRO A 210 3.70 8.10 -4.42
C PRO A 210 4.88 8.10 -3.46
N THR A 211 5.99 8.73 -3.89
CA THR A 211 7.20 8.78 -3.08
C THR A 211 7.75 10.17 -2.87
N CYS A 212 7.30 11.17 -3.62
CA CYS A 212 7.91 12.49 -3.50
C CYS A 212 6.96 13.53 -4.06
N HIS A 213 6.76 14.60 -3.30
CA HIS A 213 6.07 15.77 -3.82
C HIS A 213 6.78 16.28 -5.08
N PRO A 214 6.05 16.62 -6.14
CA PRO A 214 6.70 17.13 -7.35
C PRO A 214 7.54 18.36 -7.11
N GLU A 215 7.13 19.23 -6.19
CA GLU A 215 7.90 20.43 -5.90
C GLU A 215 9.17 20.13 -5.11
N ALA A 216 9.34 18.91 -4.62
CA ALA A 216 10.54 18.53 -3.86
C ALA A 216 11.39 17.48 -4.59
N MET A 217 11.04 17.11 -5.81
CA MET A 217 11.84 16.16 -6.57
C MET A 217 13.26 16.71 -6.74
N PRO A 218 14.29 15.97 -6.33
CA PRO A 218 15.65 16.49 -6.45
C PRO A 218 16.00 16.75 -7.91
N GLU A 219 16.66 17.89 -8.15
CA GLU A 219 16.96 18.30 -9.51
C GLU A 219 17.65 17.19 -10.30
N GLU A 220 18.62 16.52 -9.69
CA GLU A 220 19.41 15.52 -10.41
C GLU A 220 18.55 14.36 -10.91
N TYR A 221 17.37 14.16 -10.34
CA TYR A 221 16.51 13.06 -10.76
C TYR A 221 15.33 13.50 -11.61
N LYS A 222 15.19 14.79 -11.89
CA LYS A 222 13.96 15.22 -12.58
C LYS A 222 13.85 14.61 -13.96
N SER A 223 15.00 14.30 -14.56
CA SER A 223 15.07 13.68 -15.91
C SER A 223 14.53 12.25 -15.85
N CYS A 224 14.67 11.57 -14.70
CA CYS A 224 14.19 10.20 -14.57
C CYS A 224 12.67 10.13 -14.60
N ILE A 225 12.00 11.22 -14.25
CA ILE A 225 10.55 11.20 -14.05
C ILE A 225 9.95 11.52 -15.41
N LYS A 226 9.69 10.46 -16.20
CA LYS A 226 8.99 10.63 -17.46
C LYS A 226 7.51 10.36 -17.36
N SER A 227 7.10 9.46 -16.46
CA SER A 227 5.72 8.99 -16.42
C SER A 227 4.73 10.11 -16.11
N MET A 228 5.13 11.14 -15.36
CA MET A 228 4.16 12.15 -14.95
C MET A 228 3.59 12.92 -16.15
N GLU A 229 4.39 13.14 -17.19
CA GLU A 229 3.91 13.76 -18.42
C GLU A 229 3.43 12.73 -19.44
N GLU A 230 4.21 11.66 -19.62
CA GLU A 230 3.86 10.62 -20.59
C GLU A 230 2.53 9.97 -20.24
N CYS A 231 2.25 9.76 -18.95
CA CYS A 231 1.00 9.18 -18.50
C CYS A 231 0.08 10.20 -17.85
N ARG A 232 0.19 11.48 -18.23
CA ARG A 232 -0.59 12.50 -17.55
C ARG A 232 -2.08 12.30 -17.71
N ASP A 233 -2.54 11.56 -18.72
CA ASP A 233 -3.98 11.32 -18.88
C ASP A 233 -4.32 9.84 -18.76
N ALA A 234 -3.56 9.08 -17.96
CA ALA A 234 -3.75 7.65 -17.89
C ALA A 234 -5.10 7.32 -17.24
N PRO A 235 -5.70 6.19 -17.60
CA PRO A 235 -6.91 5.76 -16.89
C PRO A 235 -6.67 5.71 -15.38
N LEU A 236 -7.71 6.10 -14.64
CA LEU A 236 -7.85 5.93 -13.19
C LEU A 236 -6.95 6.85 -12.38
N LEU A 237 -5.91 7.46 -12.98
CA LEU A 237 -5.11 8.44 -12.25
C LEU A 237 -4.40 9.36 -13.23
N SER A 238 -4.80 10.62 -13.26
CA SER A 238 -4.16 11.62 -14.11
C SER A 238 -3.16 12.41 -13.29
N LYS A 239 -2.24 13.07 -14.00
CA LYS A 239 -1.34 14.04 -13.37
C LYS A 239 -2.12 15.10 -12.58
N LYS A 240 -3.18 15.61 -13.19
CA LYS A 240 -4.02 16.58 -12.50
C LYS A 240 -4.49 16.04 -11.15
N GLU A 241 -4.90 14.76 -11.11
CA GLU A 241 -5.39 14.16 -9.88
C GLU A 241 -4.26 13.99 -8.86
N VAL A 242 -3.07 13.61 -9.35
CA VAL A 242 -1.92 13.49 -8.46
C VAL A 242 -1.66 14.82 -7.76
N TYR A 243 -1.60 15.90 -8.54
CA TYR A 243 -1.38 17.23 -7.95
C TYR A 243 -2.50 17.62 -6.99
N TRP A 244 -3.74 17.23 -7.32
CA TRP A 244 -4.84 17.59 -6.43
C TRP A 244 -4.73 16.86 -5.09
N PHE A 245 -4.38 15.56 -5.11
CA PHE A 245 -4.24 14.83 -3.85
C PHE A 245 -3.08 15.38 -3.02
N ASN A 246 -1.99 15.78 -3.68
CA ASN A 246 -0.88 16.43 -2.96
C ASN A 246 -1.36 17.72 -2.31
N GLU A 247 -2.16 18.50 -3.03
CA GLU A 247 -2.70 19.74 -2.48
C GLU A 247 -3.64 19.48 -1.30
N LEU A 248 -4.51 18.48 -1.39
CA LEU A 248 -5.41 18.15 -0.29
C LEU A 248 -4.61 17.76 0.95
N ALA A 249 -3.47 17.10 0.75
CA ALA A 249 -2.71 16.63 1.91
C ALA A 249 -2.03 17.80 2.64
N ASN A 250 -1.77 18.89 1.93
CA ASN A 250 -1.33 20.15 2.52
C ASN A 250 -0.20 20.00 3.54
N PRO A 251 0.91 19.34 3.17
CA PRO A 251 2.04 19.27 4.10
C PRO A 251 2.62 20.67 4.28
N ALA A 252 3.03 20.98 5.51
CA ALA A 252 3.69 22.27 5.74
C ALA A 252 4.98 22.38 4.95
N ASP A 253 5.68 21.27 4.74
CA ASP A 253 6.94 21.24 4.00
C ASP A 253 6.98 20.02 3.09
N PRO A 254 6.76 20.19 1.79
CA PRO A 254 6.81 19.05 0.86
C PRO A 254 8.18 18.39 0.77
N HIS A 255 9.25 19.06 1.20
CA HIS A 255 10.59 18.50 1.24
C HIS A 255 10.84 17.62 2.45
N ASP A 256 9.94 17.61 3.43
CA ASP A 256 10.19 16.82 4.63
C ASP A 256 9.92 15.34 4.35
N PRO A 257 10.77 14.45 4.86
CA PRO A 257 10.53 13.01 4.64
C PRO A 257 9.21 12.52 5.20
N SER A 258 8.63 13.21 6.19
CA SER A 258 7.33 12.81 6.71
C SER A 258 6.22 12.95 5.68
N PHE A 259 6.47 13.64 4.56
CA PHE A 259 5.58 13.61 3.40
C PHE A 259 6.17 12.89 2.20
N SER A 260 7.45 13.14 1.89
CA SER A 260 8.12 12.63 0.71
C SER A 260 9.16 11.60 1.16
N PRO A 261 8.80 10.31 1.24
CA PRO A 261 9.74 9.33 1.78
C PRO A 261 11.00 9.16 0.93
N LEU A 262 10.96 9.50 -0.36
CA LEU A 262 12.16 9.52 -1.19
C LEU A 262 13.29 10.33 -0.54
N LEU A 263 12.94 11.34 0.26
CA LEU A 263 13.88 12.34 0.75
C LEU A 263 14.42 12.06 2.16
N PHE A 264 14.14 10.90 2.74
CA PHE A 264 14.85 10.52 3.95
C PHE A 264 16.36 10.55 3.69
N PRO A 265 17.15 11.09 4.62
CA PRO A 265 18.60 11.17 4.41
C PRO A 265 19.24 9.83 4.11
N SER A 266 18.73 8.75 4.66
CA SER A 266 19.31 7.44 4.43
C SER A 266 18.23 6.40 4.17
N HIS A 267 18.47 5.57 3.16
CA HIS A 267 17.62 4.41 2.88
C HIS A 267 18.32 3.11 3.21
N ALA A 268 19.43 3.15 3.94
CA ALA A 268 20.09 1.92 4.34
C ALA A 268 19.32 1.25 5.47
N ASN A 269 19.49 -0.07 5.56
CA ASN A 269 19.02 -0.85 6.70
C ASN A 269 17.49 -0.86 6.80
N LEU A 270 16.80 -0.64 5.67
CA LEU A 270 15.36 -0.83 5.59
C LEU A 270 15.05 -2.31 5.43
N PRO A 271 13.81 -2.72 5.67
CA PRO A 271 13.47 -4.14 5.48
C PRO A 271 13.54 -4.53 4.01
N PRO A 272 13.74 -5.81 3.72
CA PRO A 272 13.67 -6.27 2.33
C PRO A 272 12.36 -5.80 1.72
N LEU A 273 12.43 -5.39 0.46
CA LEU A 273 11.35 -4.64 -0.19
C LEU A 273 10.86 -5.37 -1.42
N PHE A 274 9.56 -5.67 -1.47
CA PHE A 274 8.88 -6.21 -2.64
C PHE A 274 8.01 -5.08 -3.21
N PHE A 275 8.34 -4.64 -4.42
CA PHE A 275 7.77 -3.46 -5.03
C PHE A 275 6.95 -3.87 -6.25
N MET A 276 5.72 -3.38 -6.33
CA MET A 276 4.84 -3.71 -7.44
C MET A 276 4.46 -2.42 -8.15
N SER A 277 4.61 -2.39 -9.47
CA SER A 277 4.42 -1.20 -10.26
C SER A 277 3.42 -1.46 -11.38
N CYS A 278 2.63 -0.45 -11.70
CA CYS A 278 1.77 -0.47 -12.87
C CYS A 278 2.39 0.43 -13.94
N GLY A 279 2.37 -0.05 -15.19
CA GLY A 279 3.11 0.65 -16.23
C GLY A 279 2.46 1.95 -16.68
N TRP A 280 1.13 1.99 -16.71
CA TRP A 280 0.40 3.11 -17.31
C TRP A 280 -0.10 4.04 -16.20
N ASP A 281 0.83 4.79 -15.61
CA ASP A 281 0.61 5.39 -14.31
C ASP A 281 1.55 6.58 -14.17
N PRO A 282 1.04 7.79 -13.95
CA PRO A 282 1.93 8.96 -13.76
C PRO A 282 2.88 8.81 -12.58
N LEU A 283 2.50 8.05 -11.55
CA LEU A 283 3.34 7.82 -10.39
C LEU A 283 4.38 6.72 -10.60
N ARG A 284 4.46 6.15 -11.81
CA ARG A 284 5.33 5.00 -12.02
C ARG A 284 6.79 5.33 -11.72
N ASP A 285 7.28 6.43 -12.29
CA ASP A 285 8.72 6.65 -12.28
C ASP A 285 9.25 7.10 -10.92
N GLU A 286 8.47 7.85 -10.12
CA GLU A 286 8.97 8.15 -8.78
C GLU A 286 9.03 6.90 -7.91
N GLY A 287 8.15 5.92 -8.18
CA GLY A 287 8.25 4.64 -7.50
C GLY A 287 9.46 3.85 -7.94
N LEU A 288 9.72 3.81 -9.25
CA LEU A 288 10.92 3.13 -9.75
C LEU A 288 12.18 3.78 -9.21
N LEU A 289 12.17 5.11 -9.08
CA LEU A 289 13.32 5.82 -8.52
C LEU A 289 13.51 5.45 -7.06
N TYR A 290 12.43 5.43 -6.28
CA TYR A 290 12.54 5.05 -4.87
C TYR A 290 13.12 3.65 -4.74
N HIS A 291 12.63 2.73 -5.57
CA HIS A 291 13.16 1.37 -5.55
C HIS A 291 14.64 1.33 -5.91
N ALA A 292 15.06 2.13 -6.90
CA ALA A 292 16.46 2.16 -7.29
C ALA A 292 17.32 2.67 -6.14
N LEU A 293 16.87 3.72 -5.45
CA LEU A 293 17.63 4.26 -4.33
C LEU A 293 17.73 3.26 -3.19
N VAL A 294 16.65 2.51 -2.94
CA VAL A 294 16.70 1.53 -1.86
C VAL A 294 17.66 0.40 -2.22
N LYS A 295 17.64 -0.04 -3.48
CA LYS A 295 18.56 -1.07 -3.93
C LYS A 295 20.01 -0.61 -3.83
N GLU A 296 20.29 0.62 -4.28
CA GLU A 296 21.66 1.15 -4.22
C GLU A 296 22.16 1.33 -2.79
N ALA A 297 21.25 1.47 -1.82
CA ALA A 297 21.61 1.57 -0.42
C ALA A 297 21.89 0.22 0.21
N GLY A 298 21.78 -0.87 -0.54
CA GLY A 298 22.20 -2.17 -0.08
C GLY A 298 21.08 -3.06 0.41
N VAL A 299 19.83 -2.59 0.34
CA VAL A 299 18.69 -3.36 0.82
C VAL A 299 18.28 -4.37 -0.22
N GLU A 300 17.95 -5.59 0.21
CA GLU A 300 17.45 -6.61 -0.69
C GLU A 300 16.05 -6.26 -1.19
N THR A 301 15.81 -6.55 -2.47
CA THR A 301 14.79 -5.87 -3.22
C THR A 301 14.32 -6.75 -4.38
N ARG A 302 13.01 -6.73 -4.63
CA ARG A 302 12.42 -7.33 -5.80
C ARG A 302 11.40 -6.37 -6.40
N MET A 303 11.34 -6.34 -7.72
CA MET A 303 10.46 -5.45 -8.46
C MET A 303 9.61 -6.31 -9.38
N THR A 304 8.33 -5.97 -9.50
CA THR A 304 7.44 -6.58 -10.48
C THR A 304 6.72 -5.48 -11.21
N MET A 305 6.80 -5.48 -12.54
CA MET A 305 6.17 -4.47 -13.38
C MET A 305 5.00 -5.07 -14.15
N TYR A 306 3.84 -4.40 -14.11
CA TYR A 306 2.68 -4.76 -14.92
C TYR A 306 2.52 -3.75 -16.05
N PRO A 307 3.06 -4.00 -17.23
CA PRO A 307 2.96 -3.02 -18.32
C PRO A 307 1.54 -2.91 -18.84
N GLY A 308 1.21 -1.72 -19.34
CA GLY A 308 -0.04 -1.49 -20.04
C GLY A 308 -1.29 -1.48 -19.18
N VAL A 309 -1.16 -1.44 -17.86
CA VAL A 309 -2.34 -1.32 -17.01
C VAL A 309 -2.21 -0.14 -16.05
N PRO A 310 -3.31 0.48 -15.67
CA PRO A 310 -3.24 1.70 -14.86
C PRO A 310 -3.15 1.43 -13.36
N HIS A 311 -2.91 2.53 -12.64
CA HIS A 311 -2.89 2.58 -11.18
C HIS A 311 -4.13 1.94 -10.58
N ALA A 312 -3.92 0.91 -9.76
CA ALA A 312 -4.98 0.25 -9.01
C ALA A 312 -5.99 -0.46 -9.89
N PHE A 313 -5.59 -0.87 -11.09
CA PHE A 313 -6.52 -1.58 -11.98
C PHE A 313 -7.01 -2.87 -11.34
N HIS A 314 -6.24 -3.48 -10.44
CA HIS A 314 -6.67 -4.74 -9.83
C HIS A 314 -7.75 -4.54 -8.77
N MET A 315 -7.92 -3.32 -8.25
CA MET A 315 -8.98 -3.05 -7.29
C MET A 315 -10.28 -2.70 -7.98
N LEU A 316 -10.20 -2.14 -9.18
CA LEU A 316 -11.39 -1.79 -9.93
C LEU A 316 -11.81 -2.85 -10.92
N PHE A 317 -10.92 -3.75 -11.30
CA PHE A 317 -11.24 -4.75 -12.33
C PHE A 317 -10.76 -6.12 -11.90
N ARG A 318 -11.03 -6.51 -10.65
CA ARG A 318 -10.47 -7.75 -10.12
C ARG A 318 -10.89 -8.98 -10.94
N SER A 319 -11.99 -8.90 -11.68
CA SER A 319 -12.43 -10.07 -12.43
C SER A 319 -11.53 -10.34 -13.64
N MET A 320 -10.70 -9.38 -14.04
CA MET A 320 -9.69 -9.64 -15.05
C MET A 320 -8.77 -10.73 -14.57
N LYS A 321 -8.39 -11.64 -15.48
CA LYS A 321 -7.39 -12.65 -15.14
C LYS A 321 -6.07 -11.97 -14.74
N LEU A 322 -5.72 -10.88 -15.41
CA LEU A 322 -4.50 -10.15 -15.08
C LEU A 322 -4.55 -9.56 -13.67
N ALA A 323 -5.71 -9.04 -13.26
CA ALA A 323 -5.89 -8.49 -11.92
C ALA A 323 -5.77 -9.59 -10.87
N GLN A 324 -6.36 -10.76 -11.15
CA GLN A 324 -6.19 -11.88 -10.23
C GLN A 324 -4.73 -12.26 -10.11
N LYS A 325 -3.99 -12.17 -11.22
CA LYS A 325 -2.57 -12.51 -11.14
C LYS A 325 -1.82 -11.49 -10.29
N PHE A 326 -2.20 -10.21 -10.43
CA PHE A 326 -1.62 -9.17 -9.57
C PHE A 326 -1.84 -9.49 -8.09
N GLN A 327 -3.06 -9.89 -7.73
CA GLN A 327 -3.28 -10.22 -6.32
C GLN A 327 -2.52 -11.47 -5.90
N GLU A 328 -2.43 -12.46 -6.79
CA GLU A 328 -1.67 -13.68 -6.50
C GLU A 328 -0.20 -13.36 -6.29
N GLU A 329 0.36 -12.47 -7.11
CA GLU A 329 1.76 -12.09 -6.96
C GLU A 329 1.98 -11.20 -5.74
N THR A 330 0.98 -10.40 -5.35
CA THR A 330 1.03 -9.71 -4.06
C THR A 330 1.21 -10.73 -2.93
N ILE A 331 0.39 -11.77 -2.95
CA ILE A 331 0.44 -12.78 -1.89
C ILE A 331 1.75 -13.56 -1.95
N GLU A 332 2.27 -13.80 -3.15
CA GLU A 332 3.57 -14.47 -3.31
C GLU A 332 4.71 -13.60 -2.77
N GLY A 333 4.64 -12.29 -2.99
CA GLY A 333 5.64 -11.40 -2.42
C GLY A 333 5.58 -11.38 -0.91
N MET A 334 4.37 -11.35 -0.35
CA MET A 334 4.23 -11.53 1.09
C MET A 334 4.86 -12.82 1.56
N SER A 335 4.59 -13.92 0.85
CA SER A 335 5.16 -15.21 1.24
C SER A 335 6.67 -15.18 1.20
N TRP A 336 7.25 -14.52 0.19
CA TRP A 336 8.70 -14.34 0.14
C TRP A 336 9.20 -13.63 1.38
N LEU A 337 8.57 -12.50 1.71
CA LEU A 337 9.00 -11.74 2.88
C LEU A 337 8.88 -12.55 4.16
N PHE A 338 7.76 -13.26 4.33
CA PHE A 338 7.59 -14.07 5.53
C PHE A 338 8.53 -15.27 5.54
N SER A 339 9.03 -15.71 4.39
CA SER A 339 9.97 -16.82 4.35
C SER A 339 11.33 -16.47 4.94
N LYS A 340 11.58 -15.19 5.25
CA LYS A 340 12.82 -14.80 5.89
C LYS A 340 12.81 -15.05 7.39
N THR A 341 11.66 -15.39 7.96
CA THR A 341 11.56 -15.89 9.33
C THR A 341 10.61 -17.08 9.33
N PRO A 342 11.02 -18.19 8.68
CA PRO A 342 10.06 -19.24 8.31
C PRO A 342 9.52 -20.00 9.51
N GLN A 343 8.24 -20.36 9.44
CA GLN A 343 7.59 -21.10 10.51
C GLN A 343 7.20 -22.50 10.07
#